data_5T7X
#
_entry.id   5T7X
#
_cell.length_a   60.025
_cell.length_b   64.904
_cell.length_c   111.783
_cell.angle_alpha   90.00
_cell.angle_beta   90.00
_cell.angle_gamma   90.00
#
_symmetry.space_group_name_H-M   'P 21 21 21'
#
loop_
_entity.id
_entity.type
_entity.pdbx_description
1 polymer "DNA (5'-D(*GP*GP*AP*TP*AP*GP*CP*CP*TP*AP*TP*GP*CP*TP*AP*CP*CP*C)-3')"
2 polymer "DNA (5'-D(*GP*GP*GP*TP*AP*GP*CP*AP*TP*AP*GP*GP*CP*TP*AP*TP*CP*C)-3')"
3 polymer 'Epstein-Barr nuclear antigen 1'
4 water water
#
loop_
_entity_poly.entity_id
_entity_poly.type
_entity_poly.pdbx_seq_one_letter_code
_entity_poly.pdbx_strand_id
1 'polydeoxyribonucleotide' (DG)(DG)(DA)(DT)(DA)(DG)(DC)(DC)(DT)(DA)(DT)(DG)(DC)(DT)(DA)(DC)(DC)(DC) C
2 'polydeoxyribonucleotide' (DG)(DG)(DG)(DT)(DA)(DG)(DC)(DA)(DT)(DA)(DG)(DG)(DC)(DT)(DA)(DT)(DC)(DC) D
3 'polypeptide(L)'
;RKKGGWFGKHRGQGGSNPKFENIAEGLRVLLARSHVERTTEEGNWVAGVFVYGGSKTSLYNLRRGIALAVPQCRITPLSR
LPFGMAPGPGPQPGPLRESIVCYFMVFLQTHIFAEVLKDAIKDLVMIKPAPTCNIKVTVCSFDDGVDLP
;
A,B
#
loop_
_chem_comp.id
_chem_comp.type
_chem_comp.name
_chem_comp.formula
DA DNA linking 2'-DEOXYADENOSINE-5'-MONOPHOSPHATE 'C10 H14 N5 O6 P'
DC DNA linking 2'-DEOXYCYTIDINE-5'-MONOPHOSPHATE 'C9 H14 N3 O7 P'
DG DNA linking 2'-DEOXYGUANOSINE-5'-MONOPHOSPHATE 'C10 H14 N5 O7 P'
DT DNA linking THYMIDINE-5'-MONOPHOSPHATE 'C10 H15 N2 O8 P'
#
# COMPACT_ATOMS: atom_id res chain seq x y z
N LYS C 3 -23.28 13.00 -16.05
CA LYS C 3 -23.13 13.19 -17.49
C LYS C 3 -21.67 13.25 -17.92
N GLY C 4 -20.77 13.28 -16.95
CA GLY C 4 -19.39 13.70 -17.20
C GLY C 4 -18.49 12.80 -18.02
N GLY C 5 -17.60 13.41 -18.78
CA GLY C 5 -16.54 12.69 -19.47
C GLY C 5 -15.17 13.17 -19.01
N TRP C 6 -14.47 13.90 -19.86
CA TRP C 6 -13.16 14.45 -19.51
C TRP C 6 -13.27 15.91 -19.09
N PHE C 7 -12.71 16.24 -17.93
CA PHE C 7 -12.79 17.61 -17.43
C PHE C 7 -11.42 18.27 -17.29
N GLY C 8 -10.40 17.65 -17.86
CA GLY C 8 -9.08 18.25 -17.90
C GLY C 8 -8.23 17.99 -16.66
N LYS C 9 -8.80 17.31 -15.67
CA LYS C 9 -8.09 17.05 -14.42
C LYS C 9 -7.53 15.63 -14.41
N HIS C 10 -6.20 15.54 -14.45
CA HIS C 10 -5.50 14.26 -14.52
C HIS C 10 -5.38 13.59 -13.16
N ARG C 11 -4.74 12.43 -13.14
CA ARG C 11 -4.57 11.64 -11.93
C ARG C 11 -3.85 12.43 -10.84
N GLY C 12 -4.46 12.49 -9.66
CA GLY C 12 -3.86 13.13 -8.51
C GLY C 12 -4.08 14.62 -8.41
N GLN C 13 -4.82 15.19 -9.37
CA GLN C 13 -5.00 16.65 -9.43
C GLN C 13 -6.27 17.18 -8.78
N GLY C 14 -7.08 16.29 -8.21
CA GLY C 14 -8.35 16.66 -7.61
C GLY C 14 -8.28 17.81 -6.61
N GLY C 15 -9.17 18.79 -6.77
CA GLY C 15 -9.20 19.94 -5.89
C GLY C 15 -10.25 19.83 -4.81
N SER C 16 -11.02 20.89 -4.59
CA SER C 16 -12.04 20.88 -3.55
C SER C 16 -13.41 21.35 -4.03
N ASN C 17 -14.42 20.93 -3.28
CA ASN C 17 -15.80 21.30 -3.49
C ASN C 17 -16.50 21.10 -2.15
N PRO C 18 -17.76 21.57 -2.03
CA PRO C 18 -18.50 21.34 -0.78
C PRO C 18 -18.50 19.89 -0.29
N LYS C 19 -18.66 18.92 -1.19
CA LYS C 19 -18.72 17.52 -0.79
C LYS C 19 -17.46 17.11 -0.03
N PHE C 20 -16.29 17.37 -0.62
CA PHE C 20 -15.04 16.92 -0.04
C PHE C 20 -14.64 17.76 1.15
N GLU C 21 -15.00 19.04 1.12
CA GLU C 21 -14.69 19.94 2.22
C GLU C 21 -15.52 19.58 3.46
N ASN C 22 -16.75 19.13 3.23
CA ASN C 22 -17.61 18.68 4.33
C ASN C 22 -17.00 17.48 5.04
N ILE C 23 -16.48 16.54 4.26
CA ILE C 23 -15.80 15.39 4.84
C ILE C 23 -14.52 15.84 5.53
N ALA C 24 -13.86 16.82 4.93
CA ALA C 24 -12.60 17.33 5.49
C ALA C 24 -12.84 18.05 6.82
N GLU C 25 -13.90 18.85 6.88
CA GLU C 25 -14.20 19.59 8.10
C GLU C 25 -14.58 18.65 9.23
N GLY C 26 -15.31 17.59 8.91
CA GLY C 26 -15.62 16.57 9.89
C GLY C 26 -14.34 16.02 10.49
N LEU C 27 -13.36 15.79 9.62
CA LEU C 27 -12.07 15.29 10.06
C LEU C 27 -11.30 16.33 10.86
N ARG C 28 -11.30 17.58 10.39
CA ARG C 28 -10.55 18.64 11.07
C ARG C 28 -10.99 18.80 12.51
N VAL C 29 -12.29 18.72 12.73
CA VAL C 29 -12.88 18.86 14.06
C VAL C 29 -12.33 17.76 14.95
N LEU C 30 -12.36 16.54 14.43
CA LEU C 30 -11.89 15.39 15.17
C LEU C 30 -10.37 15.43 15.37
N LEU C 31 -9.64 15.85 14.35
CA LEU C 31 -8.19 15.96 14.48
C LEU C 31 -7.81 17.03 15.51
N ALA C 32 -8.72 17.99 15.71
CA ALA C 32 -8.49 19.06 16.66
C ALA C 32 -8.61 18.61 18.11
N ARG C 33 -8.98 17.35 18.31
CA ARG C 33 -9.01 16.74 19.65
C ARG C 33 -7.60 16.58 20.22
N SER C 34 -6.63 16.52 19.32
CA SER C 34 -5.27 16.13 19.66
C SER C 34 -4.26 16.87 18.81
N HIS C 35 -3.82 18.03 19.29
CA HIS C 35 -2.82 18.79 18.54
C HIS C 35 -1.43 18.22 18.77
N VAL C 36 -1.19 17.03 18.22
CA VAL C 36 0.13 16.41 18.28
C VAL C 36 0.95 16.83 17.06
N GLU C 37 2.27 16.70 17.15
CA GLU C 37 3.15 17.07 16.05
C GLU C 37 2.95 16.16 14.85
N ARG C 38 2.85 16.77 13.67
CA ARG C 38 2.59 16.03 12.43
C ARG C 38 3.80 16.02 11.51
N THR C 39 4.84 16.76 11.89
CA THR C 39 6.04 16.88 11.06
C THR C 39 7.33 16.75 11.88
N THR C 40 8.40 16.32 11.23
CA THR C 40 9.72 16.30 11.86
C THR C 40 10.70 17.14 11.07
N GLU C 41 11.85 17.42 11.68
CA GLU C 41 12.91 18.16 11.01
C GLU C 41 13.47 17.31 9.87
N GLU C 42 13.84 16.07 10.19
CA GLU C 42 14.36 15.14 9.19
C GLU C 42 13.36 14.96 8.05
N GLY C 43 12.08 14.96 8.39
CA GLY C 43 11.01 14.92 7.40
C GLY C 43 10.72 13.55 6.81
N ASN C 44 11.27 12.51 7.42
CA ASN C 44 11.11 11.15 6.89
C ASN C 44 9.70 10.60 7.08
N TRP C 45 9.28 9.78 6.12
CA TRP C 45 7.96 9.14 6.19
C TRP C 45 8.10 7.78 6.84
N VAL C 46 7.91 7.76 8.15
CA VAL C 46 8.15 6.58 8.96
C VAL C 46 6.86 5.88 9.37
N ALA C 47 5.75 6.59 9.22
CA ALA C 47 4.46 6.07 9.65
C ALA C 47 3.38 6.32 8.61
N GLY C 48 2.25 5.65 8.77
CA GLY C 48 1.10 5.89 7.92
C GLY C 48 -0.19 5.31 8.47
N VAL C 49 -1.27 5.43 7.71
CA VAL C 49 -2.48 4.68 8.01
C VAL C 49 -2.95 3.93 6.76
N PHE C 50 -3.36 2.68 6.95
CA PHE C 50 -3.85 1.84 5.88
C PHE C 50 -5.37 1.82 5.92
N VAL C 51 -5.99 2.39 4.89
CA VAL C 51 -7.44 2.52 4.87
C VAL C 51 -8.03 1.61 3.79
N TYR C 52 -9.06 0.85 4.13
CA TYR C 52 -9.64 -0.12 3.19
C TYR C 52 -11.07 -0.51 3.57
N GLY C 53 -11.77 -1.17 2.64
CA GLY C 53 -13.13 -1.62 2.90
C GLY C 53 -14.21 -0.62 2.54
N GLY C 54 -15.37 -0.77 3.17
CA GLY C 54 -16.52 0.06 2.86
C GLY C 54 -17.01 -0.17 1.45
N SER C 55 -16.71 0.78 0.57
CA SER C 55 -17.05 0.66 -0.84
C SER C 55 -16.03 1.47 -1.63
N LYS C 56 -16.06 1.39 -2.96
CA LYS C 56 -15.11 2.15 -3.75
C LYS C 56 -15.32 3.66 -3.57
N THR C 57 -16.57 4.08 -3.65
CA THR C 57 -16.87 5.51 -3.59
C THR C 57 -16.62 6.10 -2.20
N SER C 58 -17.02 5.37 -1.16
CA SER C 58 -16.88 5.88 0.19
C SER C 58 -15.40 5.96 0.58
N LEU C 59 -14.62 4.98 0.13
CA LEU C 59 -13.18 5.04 0.32
C LEU C 59 -12.60 6.23 -0.42
N TYR C 60 -12.97 6.38 -1.69
CA TYR C 60 -12.53 7.48 -2.53
C TYR C 60 -12.80 8.84 -1.89
N ASN C 61 -14.05 9.07 -1.49
CA ASN C 61 -14.44 10.32 -0.87
C ASN C 61 -13.68 10.58 0.42
N LEU C 62 -13.47 9.54 1.23
CA LEU C 62 -12.66 9.69 2.43
C LEU C 62 -11.27 10.21 2.06
N ARG C 63 -10.64 9.55 1.07
CA ARG C 63 -9.33 9.92 0.58
C ARG C 63 -9.27 11.40 0.21
N ARG C 64 -10.24 11.85 -0.58
CA ARG C 64 -10.31 13.24 -0.98
C ARG C 64 -10.38 14.16 0.23
N GLY C 65 -11.24 13.80 1.18
CA GLY C 65 -11.42 14.57 2.40
C GLY C 65 -10.16 14.68 3.24
N ILE C 66 -9.46 13.57 3.41
CA ILE C 66 -8.24 13.55 4.21
C ILE C 66 -7.19 14.50 3.62
N ALA C 67 -7.10 14.53 2.30
CA ALA C 67 -6.16 15.41 1.61
C ALA C 67 -6.41 16.90 1.93
N LEU C 68 -7.67 17.27 2.05
CA LEU C 68 -8.03 18.65 2.35
C LEU C 68 -7.81 18.97 3.82
N ALA C 69 -8.02 17.98 4.68
CA ALA C 69 -7.90 18.17 6.12
C ALA C 69 -6.46 18.08 6.59
N VAL C 70 -5.65 17.32 5.87
CA VAL C 70 -4.27 17.06 6.28
C VAL C 70 -3.26 17.37 5.17
N PRO C 71 -2.83 18.63 5.06
CA PRO C 71 -1.82 19.01 4.06
C PRO C 71 -0.46 18.36 4.31
N GLN C 72 -0.24 17.86 5.53
CA GLN C 72 1.05 17.31 5.90
C GLN C 72 1.22 15.85 5.51
N CYS C 73 0.18 15.24 4.97
CA CYS C 73 0.25 13.84 4.57
C CYS C 73 0.44 13.69 3.05
N ARG C 74 0.68 12.46 2.62
CA ARG C 74 0.72 12.14 1.19
C ARG C 74 -0.10 10.87 0.97
N ILE C 75 -0.87 10.83 -0.12
CA ILE C 75 -1.82 9.75 -0.31
C ILE C 75 -1.72 9.06 -1.68
N THR C 76 -1.64 7.73 -1.65
CA THR C 76 -1.69 6.90 -2.84
C THR C 76 -3.05 7.03 -3.53
N PRO C 77 -3.14 6.60 -4.80
CA PRO C 77 -4.48 6.46 -5.37
C PRO C 77 -5.15 5.24 -4.76
N LEU C 78 -6.44 5.06 -4.99
CA LEU C 78 -7.10 3.82 -4.60
C LEU C 78 -6.50 2.68 -5.39
N SER C 79 -6.39 1.51 -4.76
CA SER C 79 -5.96 0.30 -5.45
C SER C 79 -6.74 -0.86 -4.85
N ARG C 80 -6.32 -2.10 -5.12
CA ARG C 80 -7.10 -3.25 -4.68
C ARG C 80 -6.35 -4.21 -3.77
N LEU C 81 -7.12 -4.87 -2.92
CA LEU C 81 -6.62 -5.85 -1.98
C LEU C 81 -6.57 -7.22 -2.62
N PRO C 82 -5.59 -8.04 -2.25
CA PRO C 82 -5.64 -9.46 -2.61
C PRO C 82 -6.49 -10.19 -1.59
N PHE C 83 -6.89 -11.43 -1.86
CA PHE C 83 -7.72 -12.18 -0.93
C PHE C 83 -6.94 -12.65 0.30
N GLY C 84 -7.66 -13.00 1.35
CA GLY C 84 -7.05 -13.52 2.55
C GLY C 84 -6.91 -15.03 2.51
N MET C 85 -7.11 -15.68 3.66
CA MET C 85 -7.12 -17.13 3.75
C MET C 85 -8.47 -17.63 3.29
N ALA C 86 -8.46 -18.67 2.45
CA ALA C 86 -9.69 -19.34 2.05
C ALA C 86 -10.14 -20.27 3.16
N PRO C 87 -11.46 -20.34 3.39
CA PRO C 87 -11.93 -21.17 4.50
C PRO C 87 -11.96 -22.66 4.14
N GLY C 88 -11.66 -23.50 5.11
CA GLY C 88 -11.88 -24.92 4.95
C GLY C 88 -10.97 -25.69 4.01
N PRO C 89 -11.58 -26.54 3.17
CA PRO C 89 -10.94 -27.64 2.47
C PRO C 89 -10.20 -27.26 1.20
N GLY C 90 -10.66 -26.21 0.50
CA GLY C 90 -10.08 -25.86 -0.79
C GLY C 90 -8.62 -25.46 -0.72
N PRO C 91 -8.00 -25.25 -1.89
CA PRO C 91 -6.63 -24.72 -1.91
C PRO C 91 -6.69 -23.22 -1.73
N GLN C 92 -5.57 -22.59 -1.38
CA GLN C 92 -5.56 -21.13 -1.21
C GLN C 92 -5.41 -20.46 -2.56
N PRO C 93 -6.00 -19.27 -2.72
CA PRO C 93 -5.81 -18.50 -3.95
C PRO C 93 -4.35 -18.10 -4.13
N GLY C 94 -3.97 -17.78 -5.37
CA GLY C 94 -2.61 -17.35 -5.64
C GLY C 94 -2.39 -16.02 -4.96
N PRO C 95 -1.14 -15.70 -4.60
CA PRO C 95 -0.84 -14.43 -3.94
C PRO C 95 -1.27 -13.22 -4.76
N LEU C 96 -1.37 -13.36 -6.08
CA LEU C 96 -1.70 -12.25 -6.95
C LEU C 96 -3.21 -12.02 -7.17
N ARG C 97 -4.03 -13.02 -6.86
CA ARG C 97 -5.47 -12.90 -7.10
C ARG C 97 -6.02 -11.69 -6.36
N GLU C 98 -6.78 -10.85 -7.06
CA GLU C 98 -7.29 -9.63 -6.46
C GLU C 98 -8.81 -9.67 -6.27
N SER C 99 -9.25 -9.03 -5.19
CA SER C 99 -10.66 -8.92 -4.87
C SER C 99 -11.24 -7.61 -5.38
N ILE C 100 -12.45 -7.31 -4.95
CA ILE C 100 -13.14 -6.07 -5.32
C ILE C 100 -12.90 -5.01 -4.24
N VAL C 101 -12.33 -5.43 -3.12
CA VAL C 101 -12.14 -4.50 -2.01
C VAL C 101 -10.96 -3.56 -2.27
N CYS C 102 -11.19 -2.27 -2.10
CA CYS C 102 -10.18 -1.27 -2.37
C CYS C 102 -9.43 -0.88 -1.12
N TYR C 103 -8.35 -0.14 -1.31
CA TYR C 103 -7.58 0.42 -0.20
C TYR C 103 -6.81 1.64 -0.68
N PHE C 104 -6.28 2.42 0.26
CA PHE C 104 -5.27 3.42 -0.07
C PHE C 104 -4.36 3.61 1.13
N MET C 105 -3.19 4.19 0.89
CA MET C 105 -2.21 4.41 1.94
C MET C 105 -1.98 5.90 2.18
N VAL C 106 -1.96 6.29 3.44
CA VAL C 106 -1.60 7.66 3.81
C VAL C 106 -0.22 7.67 4.47
N PHE C 107 0.69 8.51 3.97
CA PHE C 107 2.03 8.59 4.55
C PHE C 107 2.16 9.79 5.50
N LEU C 108 2.75 9.56 6.66
CA LEU C 108 2.88 10.58 7.69
C LEU C 108 4.30 10.58 8.25
N GLN C 109 4.72 11.71 8.80
CA GLN C 109 6.09 11.82 9.31
C GLN C 109 6.22 11.43 10.78
N THR C 110 5.10 11.28 11.48
CA THR C 110 5.16 10.84 12.88
C THR C 110 4.15 9.74 13.15
N HIS C 111 4.52 8.80 14.02
CA HIS C 111 3.62 7.73 14.41
C HIS C 111 2.52 8.26 15.34
N ILE C 112 2.83 9.33 16.05
CA ILE C 112 1.91 9.85 17.05
C ILE C 112 0.70 10.43 16.34
N PHE C 113 0.92 11.04 15.19
CA PHE C 113 -0.19 11.60 14.43
C PHE C 113 -0.93 10.53 13.64
N ALA C 114 -0.23 9.48 13.23
CA ALA C 114 -0.88 8.35 12.59
C ALA C 114 -1.98 7.82 13.49
N GLU C 115 -1.66 7.70 14.77
CA GLU C 115 -2.61 7.22 15.77
C GLU C 115 -3.84 8.14 15.83
N VAL C 116 -3.59 9.44 15.88
CA VAL C 116 -4.67 10.41 15.96
C VAL C 116 -5.51 10.43 14.68
N LEU C 117 -4.84 10.34 13.53
CA LEU C 117 -5.53 10.32 12.24
C LEU C 117 -6.44 9.11 12.14
N LYS C 118 -5.94 7.98 12.60
CA LYS C 118 -6.71 6.74 12.60
C LYS C 118 -7.94 6.88 13.49
N ASP C 119 -7.74 7.32 14.73
CA ASP C 119 -8.85 7.58 15.65
C ASP C 119 -9.89 8.49 15.01
N ALA C 120 -9.40 9.56 14.38
CA ALA C 120 -10.28 10.50 13.69
C ALA C 120 -11.13 9.81 12.65
N ILE C 121 -10.52 8.94 11.85
CA ILE C 121 -11.24 8.30 10.76
C ILE C 121 -12.31 7.36 11.30
N LYS C 122 -11.93 6.53 12.28
CA LYS C 122 -12.87 5.61 12.90
C LYS C 122 -14.08 6.34 13.47
N ASP C 123 -13.84 7.40 14.23
CA ASP C 123 -14.92 8.16 14.86
C ASP C 123 -15.76 8.90 13.82
N LEU C 124 -15.11 9.36 12.77
CA LEU C 124 -15.77 10.08 11.68
C LEU C 124 -16.77 9.17 10.99
N VAL C 125 -16.44 7.89 10.96
CA VAL C 125 -17.11 6.93 10.09
C VAL C 125 -18.15 6.10 10.83
N MET C 126 -18.01 6.00 12.16
CA MET C 126 -18.86 5.11 12.92
C MET C 126 -20.27 5.66 13.14
N ILE C 127 -20.47 6.95 12.87
CA ILE C 127 -21.81 7.54 13.00
C ILE C 127 -22.51 7.63 11.65
N LYS C 128 -21.86 7.12 10.62
CA LYS C 128 -22.42 7.14 9.29
C LYS C 128 -23.08 5.80 8.95
N PRO C 129 -23.95 5.78 7.94
CA PRO C 129 -24.56 4.50 7.55
C PRO C 129 -23.61 3.68 6.72
N ALA C 130 -23.93 2.42 6.49
CA ALA C 130 -23.22 1.58 5.53
C ALA C 130 -23.32 2.22 4.15
N PRO C 131 -22.31 2.01 3.30
CA PRO C 131 -21.10 1.20 3.51
C PRO C 131 -19.98 1.95 4.24
N THR C 132 -20.10 3.26 4.36
CA THR C 132 -19.03 4.08 4.89
C THR C 132 -18.60 3.68 6.31
N CYS C 133 -19.55 3.23 7.12
CA CYS C 133 -19.23 2.83 8.49
C CYS C 133 -18.42 1.54 8.52
N ASN C 134 -18.40 0.82 7.41
CA ASN C 134 -17.66 -0.43 7.33
C ASN C 134 -16.22 -0.26 6.86
N ILE C 135 -15.78 0.99 6.71
CA ILE C 135 -14.39 1.25 6.34
C ILE C 135 -13.47 0.91 7.51
N LYS C 136 -12.36 0.23 7.20
CA LYS C 136 -11.42 -0.23 8.20
C LYS C 136 -10.14 0.58 8.13
N VAL C 137 -9.54 0.83 9.29
CA VAL C 137 -8.28 1.57 9.37
C VAL C 137 -7.30 0.89 10.33
N THR C 138 -6.03 0.85 9.94
CA THR C 138 -4.99 0.48 10.88
C THR C 138 -3.81 1.40 10.72
N VAL C 139 -3.17 1.68 11.85
CA VAL C 139 -1.92 2.42 11.88
C VAL C 139 -0.87 1.58 11.21
N CYS C 140 0.07 2.23 10.56
CA CYS C 140 1.05 1.57 9.73
C CYS C 140 2.44 2.15 10.04
N SER C 141 3.44 1.27 10.16
CA SER C 141 4.79 1.68 10.52
C SER C 141 5.83 1.11 9.56
N PHE C 142 6.67 1.98 9.01
CA PHE C 142 7.72 1.55 8.08
C PHE C 142 9.09 1.54 8.78
N ASP C 143 9.62 0.34 9.00
CA ASP C 143 10.90 0.15 9.70
C ASP C 143 12.04 1.03 9.22
N ASP C 144 12.15 1.17 7.90
CA ASP C 144 13.26 1.92 7.28
C ASP C 144 12.73 3.15 6.58
N GLY C 145 11.45 3.44 6.78
CA GLY C 145 10.81 4.59 6.15
C GLY C 145 10.55 4.40 4.66
N VAL C 146 9.78 5.33 4.09
CA VAL C 146 9.51 5.33 2.66
C VAL C 146 10.10 6.57 2.02
N ASP C 147 10.91 6.35 0.99
CA ASP C 147 11.54 7.47 0.26
C ASP C 147 10.64 7.94 -0.87
N LEU C 148 9.57 8.64 -0.51
CA LEU C 148 8.68 9.25 -1.49
C LEU C 148 9.48 10.19 -2.37
N PRO C 149 9.30 10.09 -3.70
CA PRO C 149 10.03 10.91 -4.68
C PRO C 149 9.82 12.39 -4.45
N ARG D 1 5.41 -9.01 -36.68
CA ARG D 1 5.39 -10.21 -35.84
C ARG D 1 4.67 -9.99 -34.50
N LYS D 2 3.42 -10.44 -34.42
CA LYS D 2 2.69 -10.62 -33.15
C LYS D 2 2.79 -9.48 -32.14
N LYS D 3 3.34 -9.80 -30.98
CA LYS D 3 3.36 -8.94 -29.79
C LYS D 3 1.95 -8.60 -29.33
N GLY D 4 1.67 -9.00 -28.10
CA GLY D 4 0.31 -9.32 -27.70
C GLY D 4 -0.73 -8.26 -27.56
N GLY D 5 -1.97 -8.72 -27.63
CA GLY D 5 -3.12 -7.95 -27.22
C GLY D 5 -3.74 -8.63 -26.02
N TRP D 6 -4.84 -9.36 -26.25
CA TRP D 6 -5.56 -10.04 -25.18
C TRP D 6 -5.21 -11.51 -25.11
N PHE D 7 -4.89 -12.00 -23.92
CA PHE D 7 -4.52 -13.40 -23.73
C PHE D 7 -5.42 -14.13 -22.77
N GLY D 8 -6.57 -13.54 -22.48
CA GLY D 8 -7.55 -14.21 -21.64
C GLY D 8 -7.20 -14.34 -20.18
N LYS D 9 -6.10 -13.73 -19.75
CA LYS D 9 -5.74 -13.76 -18.33
C LYS D 9 -5.97 -12.38 -17.70
N HIS D 10 -6.95 -12.32 -16.80
CA HIS D 10 -7.36 -11.07 -16.18
C HIS D 10 -6.40 -10.62 -15.07
N ARG D 11 -6.76 -9.51 -14.43
CA ARG D 11 -5.96 -8.97 -13.33
C ARG D 11 -5.84 -10.00 -12.22
N GLY D 12 -4.60 -10.30 -11.84
CA GLY D 12 -4.34 -11.20 -10.73
C GLY D 12 -4.16 -12.65 -11.13
N GLN D 13 -4.53 -12.98 -12.36
CA GLN D 13 -4.51 -14.36 -12.82
C GLN D 13 -3.17 -14.80 -13.42
N GLY D 14 -2.11 -14.01 -13.22
CA GLY D 14 -0.82 -14.32 -13.81
C GLY D 14 -0.33 -15.75 -13.59
N GLY D 15 0.14 -16.39 -14.65
CA GLY D 15 0.66 -17.74 -14.56
C GLY D 15 2.15 -17.78 -14.23
N SER D 16 2.84 -18.78 -14.74
CA SER D 16 4.29 -18.84 -14.58
C SER D 16 4.98 -19.08 -15.91
N ASN D 17 6.28 -18.79 -15.92
CA ASN D 17 7.14 -18.98 -17.08
C ASN D 17 8.57 -18.92 -16.56
N PRO D 18 9.55 -19.36 -17.36
CA PRO D 18 10.94 -19.36 -16.87
C PRO D 18 11.42 -18.03 -16.28
N LYS D 19 11.05 -16.90 -16.89
CA LYS D 19 11.51 -15.59 -16.42
C LYS D 19 11.11 -15.33 -14.96
N PHE D 20 9.84 -15.52 -14.66
CA PHE D 20 9.33 -15.29 -13.31
C PHE D 20 9.77 -16.42 -12.37
N GLU D 21 9.85 -17.63 -12.90
CA GLU D 21 10.32 -18.77 -12.13
C GLU D 21 11.78 -18.61 -11.69
N ASN D 22 12.60 -18.01 -12.56
CA ASN D 22 14.01 -17.81 -12.25
C ASN D 22 14.22 -16.77 -11.15
N ILE D 23 13.45 -15.69 -11.22
CA ILE D 23 13.42 -14.70 -10.16
C ILE D 23 13.01 -15.37 -8.85
N ALA D 24 11.94 -16.14 -8.90
CA ALA D 24 11.42 -16.84 -7.73
C ALA D 24 12.49 -17.74 -7.12
N GLU D 25 13.27 -18.39 -7.97
CA GLU D 25 14.28 -19.34 -7.49
C GLU D 25 15.41 -18.60 -6.79
N GLY D 26 15.73 -17.40 -7.27
CA GLY D 26 16.70 -16.56 -6.60
C GLY D 26 16.24 -16.26 -5.18
N LEU D 27 14.97 -15.90 -5.04
CA LEU D 27 14.39 -15.61 -3.73
C LEU D 27 14.39 -16.85 -2.84
N ARG D 28 14.03 -17.98 -3.42
CA ARG D 28 13.90 -19.22 -2.67
C ARG D 28 15.22 -19.66 -2.04
N VAL D 29 16.30 -19.53 -2.80
CA VAL D 29 17.63 -19.89 -2.31
C VAL D 29 17.98 -19.07 -1.07
N LEU D 30 17.80 -17.76 -1.17
CA LEU D 30 18.06 -16.86 -0.05
C LEU D 30 17.14 -17.17 1.12
N LEU D 31 15.86 -17.35 0.83
CA LEU D 31 14.87 -17.63 1.87
C LEU D 31 15.16 -18.94 2.59
N ALA D 32 15.75 -19.90 1.87
CA ALA D 32 16.03 -21.22 2.43
C ALA D 32 17.16 -21.19 3.46
N ARG D 33 18.04 -20.20 3.35
CA ARG D 33 19.04 -20.00 4.39
C ARG D 33 18.37 -19.54 5.70
N SER D 34 17.23 -18.86 5.58
CA SER D 34 16.47 -18.46 6.75
C SER D 34 15.11 -19.15 6.75
N HIS D 35 15.10 -20.39 7.22
CA HIS D 35 13.92 -21.24 7.23
C HIS D 35 12.95 -20.90 8.37
N VAL D 36 12.40 -19.69 8.33
CA VAL D 36 11.51 -19.26 9.41
C VAL D 36 10.05 -19.55 9.07
N GLU D 37 9.20 -19.54 10.08
CA GLU D 37 7.76 -19.76 9.91
C GLU D 37 7.09 -18.63 9.13
N ARG D 38 6.36 -19.00 8.08
CA ARG D 38 5.67 -18.03 7.25
C ARG D 38 4.17 -18.00 7.53
N THR D 39 3.68 -18.90 8.38
CA THR D 39 2.25 -18.97 8.68
C THR D 39 1.94 -19.08 10.17
N THR D 40 0.74 -18.68 10.54
CA THR D 40 0.20 -18.93 11.88
C THR D 40 -1.15 -19.62 11.77
N GLU D 41 -1.60 -20.22 12.87
CA GLU D 41 -2.88 -20.91 12.90
C GLU D 41 -4.04 -19.93 12.78
N GLU D 42 -3.99 -18.84 13.53
CA GLU D 42 -5.00 -17.80 13.47
C GLU D 42 -5.10 -17.25 12.04
N GLY D 43 -3.95 -17.17 11.37
CA GLY D 43 -3.89 -16.81 9.96
C GLY D 43 -4.06 -15.33 9.62
N ASN D 44 -3.97 -14.47 10.62
CA ASN D 44 -4.13 -13.04 10.39
C ASN D 44 -2.93 -12.43 9.66
N TRP D 45 -3.19 -11.34 8.93
CA TRP D 45 -2.13 -10.65 8.20
C TRP D 45 -1.62 -9.46 9.00
N VAL D 46 -0.57 -9.69 9.78
CA VAL D 46 -0.11 -8.75 10.82
C VAL D 46 1.12 -7.97 10.43
N ALA D 47 1.73 -8.33 9.30
CA ALA D 47 2.94 -7.67 8.86
C ALA D 47 2.98 -7.60 7.35
N GLY D 48 3.88 -6.79 6.82
CA GLY D 48 3.94 -6.58 5.40
C GLY D 48 5.31 -6.22 4.89
N VAL D 49 5.41 -6.14 3.57
CA VAL D 49 6.63 -5.70 2.93
C VAL D 49 6.26 -4.70 1.84
N PHE D 50 6.84 -3.50 1.93
CA PHE D 50 6.52 -2.39 1.03
C PHE D 50 7.64 -2.21 0.03
N VAL D 51 7.36 -2.49 -1.24
CA VAL D 51 8.39 -2.52 -2.28
C VAL D 51 8.12 -1.45 -3.33
N TYR D 52 9.13 -0.68 -3.68
CA TYR D 52 8.91 0.47 -4.57
C TYR D 52 10.17 0.91 -5.30
N GLY D 53 9.99 1.71 -6.34
CA GLY D 53 11.11 2.29 -7.07
C GLY D 53 11.65 1.44 -8.20
N GLY D 54 12.90 1.67 -8.56
CA GLY D 54 13.53 0.96 -9.67
C GLY D 54 12.93 1.37 -11.00
N SER D 55 11.95 0.59 -11.44
CA SER D 55 11.21 0.88 -12.67
C SER D 55 9.96 0.02 -12.64
N LYS D 56 8.92 0.45 -13.37
CA LYS D 56 7.66 -0.28 -13.40
C LYS D 56 7.87 -1.75 -13.73
N THR D 57 8.59 -2.02 -14.82
CA THR D 57 8.79 -3.40 -15.28
C THR D 57 9.56 -4.23 -14.26
N SER D 58 10.62 -3.67 -13.69
CA SER D 58 11.44 -4.42 -12.73
C SER D 58 10.67 -4.68 -11.45
N LEU D 59 9.85 -3.72 -11.03
CA LEU D 59 8.97 -3.93 -9.89
C LEU D 59 7.97 -5.04 -10.20
N TYR D 60 7.32 -4.92 -11.36
CA TYR D 60 6.34 -5.90 -11.80
C TYR D 60 6.90 -7.33 -11.79
N ASN D 61 8.05 -7.50 -12.41
CA ASN D 61 8.67 -8.82 -12.48
C ASN D 61 9.03 -9.35 -11.11
N LEU D 62 9.46 -8.46 -10.22
CA LEU D 62 9.78 -8.86 -8.85
C LEU D 62 8.53 -9.37 -8.15
N ARG D 63 7.44 -8.63 -8.31
CA ARG D 63 6.14 -9.03 -7.77
C ARG D 63 5.73 -10.41 -8.28
N ARG D 64 5.85 -10.63 -9.58
CA ARG D 64 5.56 -11.93 -10.17
C ARG D 64 6.43 -13.02 -9.59
N GLY D 65 7.69 -12.67 -9.33
CA GLY D 65 8.64 -13.62 -8.76
C GLY D 65 8.29 -14.01 -7.35
N ILE D 66 8.12 -13.01 -6.49
CA ILE D 66 7.74 -13.25 -5.10
C ILE D 66 6.54 -14.18 -4.99
N ALA D 67 5.58 -13.97 -5.89
CA ALA D 67 4.33 -14.73 -5.88
C ALA D 67 4.57 -16.23 -6.03
N LEU D 68 5.46 -16.59 -6.94
CA LEU D 68 5.79 -17.99 -7.19
C LEU D 68 6.59 -18.59 -6.02
N ALA D 69 7.44 -17.75 -5.42
CA ALA D 69 8.34 -18.22 -4.36
C ALA D 69 7.64 -18.32 -3.02
N VAL D 70 6.62 -17.50 -2.81
CA VAL D 70 5.95 -17.43 -1.50
C VAL D 70 4.43 -17.55 -1.65
N PRO D 71 3.91 -18.79 -1.75
CA PRO D 71 2.47 -18.99 -1.85
C PRO D 71 1.75 -18.54 -0.58
N GLN D 72 2.51 -18.34 0.49
CA GLN D 72 1.93 -18.02 1.79
C GLN D 72 1.65 -16.53 1.95
N CYS D 73 2.04 -15.74 0.95
CA CYS D 73 1.81 -14.30 1.03
C CYS D 73 0.64 -13.88 0.14
N ARG D 74 0.32 -12.59 0.19
CA ARG D 74 -0.68 -12.01 -0.70
C ARG D 74 -0.13 -10.69 -1.20
N ILE D 75 -0.35 -10.39 -2.47
CA ILE D 75 0.28 -9.22 -3.07
C ILE D 75 -0.72 -8.36 -3.83
N THR D 76 -0.69 -7.06 -3.56
CA THR D 76 -1.49 -6.09 -4.31
C THR D 76 -1.05 -6.02 -5.76
N PRO D 77 -1.86 -5.37 -6.60
CA PRO D 77 -1.32 -4.97 -7.90
C PRO D 77 -0.27 -3.89 -7.71
N LEU D 78 0.42 -3.53 -8.78
CA LEU D 78 1.25 -2.33 -8.74
C LEU D 78 0.32 -1.13 -8.63
N SER D 79 0.82 -0.07 -7.99
CA SER D 79 0.12 1.20 -7.97
C SER D 79 1.17 2.30 -7.89
N ARG D 80 0.77 3.53 -7.58
CA ARG D 80 1.73 4.64 -7.62
C ARG D 80 1.92 5.35 -6.29
N LEU D 81 3.07 5.99 -6.17
CA LEU D 81 3.49 6.74 -4.99
C LEU D 81 3.15 8.22 -5.15
N PRO D 82 2.75 8.88 -4.05
CA PRO D 82 2.70 10.35 -4.06
C PRO D 82 4.08 10.94 -3.84
N PHE D 83 4.21 12.25 -3.99
CA PHE D 83 5.50 12.91 -3.82
C PHE D 83 5.86 13.04 -2.35
N GLY D 84 7.11 13.38 -2.08
CA GLY D 84 7.57 13.56 -0.71
C GLY D 84 7.57 15.03 -0.34
N MET D 85 8.59 15.45 0.40
CA MET D 85 8.71 16.83 0.82
C MET D 85 9.38 17.67 -0.25
N ALA D 86 8.83 18.85 -0.50
CA ALA D 86 9.50 19.84 -1.31
C ALA D 86 10.53 20.52 -0.44
N PRO D 87 11.72 20.79 -0.99
CA PRO D 87 12.77 21.46 -0.22
C PRO D 87 12.49 22.95 -0.06
N GLY D 88 13.02 23.54 1.00
CA GLY D 88 12.91 24.98 1.21
C GLY D 88 11.63 25.42 1.87
N PRO D 89 11.46 26.74 2.03
CA PRO D 89 10.37 27.38 2.78
C PRO D 89 9.04 27.45 2.02
N GLY D 90 9.10 27.21 0.71
CA GLY D 90 7.94 27.35 -0.16
C GLY D 90 6.75 26.46 0.17
N PRO D 91 5.69 26.54 -0.65
CA PRO D 91 4.51 25.69 -0.48
C PRO D 91 4.76 24.24 -0.86
N GLN D 92 4.03 23.32 -0.24
CA GLN D 92 4.18 21.90 -0.55
C GLN D 92 3.13 21.44 -1.56
N PRO D 93 3.39 20.33 -2.27
CA PRO D 93 2.37 19.79 -3.16
C PRO D 93 1.19 19.22 -2.37
N GLY D 94 0.01 19.18 -2.99
CA GLY D 94 -1.15 18.58 -2.36
C GLY D 94 -0.92 17.10 -2.13
N PRO D 95 -1.51 16.54 -1.06
CA PRO D 95 -1.31 15.14 -0.67
C PRO D 95 -1.67 14.11 -1.74
N LEU D 96 -2.47 14.50 -2.73
CA LEU D 96 -2.95 13.55 -3.73
C LEU D 96 -2.04 13.46 -4.95
N ARG D 97 -1.18 14.46 -5.15
CA ARG D 97 -0.33 14.53 -6.34
C ARG D 97 0.49 13.26 -6.48
N GLU D 98 0.42 12.61 -7.65
CA GLU D 98 1.09 11.33 -7.83
C GLU D 98 2.30 11.42 -8.76
N SER D 99 3.28 10.56 -8.49
CA SER D 99 4.51 10.53 -9.25
C SER D 99 4.48 9.40 -10.28
N ILE D 100 5.64 9.12 -10.88
CA ILE D 100 5.77 8.05 -11.86
C ILE D 100 6.27 6.79 -11.15
N VAL D 101 6.68 6.95 -9.90
CA VAL D 101 7.24 5.86 -9.12
C VAL D 101 6.18 4.87 -8.65
N CYS D 102 6.39 3.59 -8.93
CA CYS D 102 5.43 2.56 -8.55
C CYS D 102 5.78 1.90 -7.23
N TYR D 103 4.85 1.09 -6.73
CA TYR D 103 5.06 0.30 -5.52
C TYR D 103 4.07 -0.85 -5.51
N PHE D 104 4.34 -1.86 -4.67
CA PHE D 104 3.33 -2.87 -4.37
C PHE D 104 3.47 -3.35 -2.94
N MET D 105 2.41 -3.94 -2.41
CA MET D 105 2.37 -4.39 -1.02
C MET D 105 2.26 -5.90 -0.89
N VAL D 106 3.15 -6.48 -0.09
CA VAL D 106 3.08 -7.90 0.23
C VAL D 106 2.58 -8.07 1.66
N PHE D 107 1.53 -8.87 1.85
CA PHE D 107 1.01 -9.11 3.18
C PHE D 107 1.51 -10.47 3.70
N LEU D 108 1.83 -10.52 4.98
CA LEU D 108 2.42 -11.71 5.59
C LEU D 108 1.78 -12.05 6.93
N GLN D 109 1.83 -13.33 7.32
CA GLN D 109 1.19 -13.77 8.56
C GLN D 109 2.08 -13.66 9.80
N THR D 110 3.38 -13.53 9.59
CA THR D 110 4.34 -13.46 10.69
C THR D 110 5.33 -12.32 10.49
N HIS D 111 5.67 -11.62 11.58
CA HIS D 111 6.64 -10.56 11.53
C HIS D 111 8.03 -11.09 11.15
N ILE D 112 8.37 -12.25 11.70
CA ILE D 112 9.68 -12.88 11.50
C ILE D 112 10.01 -13.13 10.02
N PHE D 113 9.02 -13.58 9.25
CA PHE D 113 9.25 -13.88 7.84
C PHE D 113 9.25 -12.61 7.00
N ALA D 114 8.58 -11.58 7.49
CA ALA D 114 8.57 -10.28 6.83
C ALA D 114 9.97 -9.69 6.78
N GLU D 115 10.68 -9.82 7.90
CA GLU D 115 12.05 -9.31 8.00
C GLU D 115 12.94 -10.06 7.04
N VAL D 116 12.82 -11.39 7.03
CA VAL D 116 13.64 -12.23 6.18
C VAL D 116 13.34 -11.98 4.71
N LEU D 117 12.06 -11.91 4.36
CA LEU D 117 11.66 -11.58 3.00
C LEU D 117 12.28 -10.26 2.57
N LYS D 118 12.27 -9.28 3.49
CA LYS D 118 12.83 -7.98 3.20
C LYS D 118 14.33 -8.06 2.93
N ASP D 119 15.05 -8.82 3.76
CA ASP D 119 16.48 -9.01 3.57
C ASP D 119 16.79 -9.64 2.23
N ALA D 120 16.00 -10.67 1.88
CA ALA D 120 16.21 -11.44 0.68
C ALA D 120 16.04 -10.59 -0.57
N ILE D 121 14.97 -9.81 -0.61
CA ILE D 121 14.71 -8.94 -1.75
C ILE D 121 15.87 -7.96 -1.94
N LYS D 122 16.34 -7.38 -0.83
CA LYS D 122 17.47 -6.45 -0.87
C LYS D 122 18.71 -7.11 -1.47
N ASP D 123 19.04 -8.29 -0.96
CA ASP D 123 20.23 -9.01 -1.42
C ASP D 123 20.07 -9.51 -2.85
N LEU D 124 18.88 -9.99 -3.18
CA LEU D 124 18.58 -10.45 -4.53
C LEU D 124 18.86 -9.32 -5.52
N VAL D 125 18.48 -8.12 -5.12
CA VAL D 125 18.39 -6.98 -6.01
C VAL D 125 19.68 -6.15 -6.07
N MET D 126 20.47 -6.19 -5.00
CA MET D 126 21.61 -5.29 -4.87
C MET D 126 22.77 -5.59 -5.82
N ILE D 127 22.81 -6.79 -6.39
CA ILE D 127 23.89 -7.16 -7.30
C ILE D 127 23.53 -7.06 -8.76
N LYS D 128 22.26 -6.84 -9.03
CA LYS D 128 21.77 -6.74 -10.40
C LYS D 128 22.03 -5.33 -10.92
N PRO D 129 22.09 -5.17 -12.25
CA PRO D 129 22.27 -3.83 -12.84
C PRO D 129 21.04 -2.96 -12.68
N ALA D 130 21.20 -1.66 -12.88
CA ALA D 130 20.09 -0.73 -12.91
C ALA D 130 19.10 -1.13 -14.02
N PRO D 131 17.79 -0.84 -13.82
CA PRO D 131 17.17 -0.14 -12.69
C PRO D 131 16.81 -1.02 -11.50
N THR D 132 16.95 -2.34 -11.64
CA THR D 132 16.45 -3.25 -10.62
C THR D 132 17.12 -3.04 -9.26
N CYS D 133 18.41 -2.77 -9.26
CA CYS D 133 19.16 -2.56 -8.03
C CYS D 133 18.66 -1.35 -7.24
N ASN D 134 17.92 -0.47 -7.91
CA ASN D 134 17.40 0.72 -7.28
C ASN D 134 16.06 0.52 -6.59
N ILE D 135 15.53 -0.70 -6.67
CA ILE D 135 14.31 -1.06 -5.96
C ILE D 135 14.51 -1.02 -4.45
N LYS D 136 13.70 -0.23 -3.75
CA LYS D 136 13.80 -0.13 -2.29
C LYS D 136 12.74 -0.97 -1.58
N VAL D 137 13.11 -1.52 -0.43
CA VAL D 137 12.20 -2.36 0.36
C VAL D 137 12.21 -1.96 1.82
N THR D 138 11.04 -1.85 2.44
CA THR D 138 10.97 -1.70 3.89
C THR D 138 9.91 -2.61 4.48
N VAL D 139 10.23 -3.17 5.65
CA VAL D 139 9.25 -3.92 6.43
C VAL D 139 8.11 -2.97 6.80
N CYS D 140 6.88 -3.47 6.75
CA CYS D 140 5.74 -2.67 7.16
C CYS D 140 4.95 -3.37 8.26
N SER D 141 4.73 -2.68 9.37
CA SER D 141 4.00 -3.25 10.51
C SER D 141 2.60 -2.68 10.61
N PHE D 142 1.61 -3.56 10.80
CA PHE D 142 0.23 -3.15 10.96
C PHE D 142 -0.23 -3.34 12.40
N ASP D 143 -0.64 -2.25 13.05
CA ASP D 143 -1.07 -2.32 14.45
C ASP D 143 -2.24 -3.29 14.65
N ASP D 144 -3.26 -3.19 13.81
CA ASP D 144 -4.44 -4.04 13.97
C ASP D 144 -4.54 -5.16 12.94
N GLY D 145 -3.50 -5.32 12.14
CA GLY D 145 -3.53 -6.31 11.07
C GLY D 145 -4.45 -5.83 9.96
N VAL D 146 -4.55 -6.62 8.89
CA VAL D 146 -5.43 -6.28 7.78
C VAL D 146 -6.41 -7.40 7.45
N ASP D 147 -7.70 -7.06 7.42
CA ASP D 147 -8.74 -8.02 7.08
C ASP D 147 -8.87 -8.22 5.58
N LEU D 148 -7.90 -8.89 4.98
CA LEU D 148 -7.97 -9.26 3.58
C LEU D 148 -9.24 -10.08 3.35
N PRO D 149 -10.04 -9.70 2.34
CA PRO D 149 -11.39 -10.26 2.09
C PRO D 149 -11.40 -11.76 1.84
#